data_4CP6
#
_entry.id   4CP6
#
_cell.length_a   61.060
_cell.length_b   61.850
_cell.length_c   121.200
_cell.angle_alpha   90.00
_cell.angle_beta   90.00
_cell.angle_gamma   90.00
#
_symmetry.space_group_name_H-M   'P 21 21 21'
#
loop_
_entity.id
_entity.type
_entity.pdbx_description
1 polymer 'CHOLINE BINDING PROTEIN PCPA'
2 water water
#
_entity_poly.entity_id   1
_entity_poly.type   'polypeptide(L)'
_entity_poly.pdbx_seq_one_letter_code
;MADTPSSEVIKETKVGSIIQQNNIKYKVLTVEGNIGTVQVGNGVTPVEFEAGQDGKPFTIPTKITVGDKVFTVTEVASQA
FSYYPDETGRIVYYPSSITIPSSIKKIQKKGFHGSKAKTIIFDKGSQLEKIEDRAFDFSELEEIELPASLEYIGTSAFSF
SQKLKKLTFSSSSKLELISHEAFANLSNLEKLTLPKSVKTLGSNLFRLTTSLKHVDVEEGNESFASVDGVLFSKDKTQLI
YYPSQKNDESYKTPKETKELASYSFNKNSYLKKLELNEGLEKIGTFAFADAIKLEEISLPNSLETIERLAFYGNLELKEL
ILPDNVKNFGKHVMNGLPKLKSLTIGNNINSLPSFFLSGVLDSLKEIHIKNKSTEFSVKKDTFAIPETVKFYVTSEHIKD
VLKSNLSTSNDIIVEKVDNIKQETDVAKPKKNSNQGVVGWVKDKG
;
_entity_poly.pdbx_strand_id   A
#
# COMPACT_ATOMS: atom_id res chain seq x y z
N THR A 13 -4.08 -14.02 -40.90
CA THR A 13 -2.70 -13.93 -40.41
C THR A 13 -2.24 -12.47 -40.13
N LYS A 14 -3.04 -11.46 -40.50
CA LYS A 14 -2.69 -10.04 -40.31
C LYS A 14 -2.72 -9.58 -38.84
N VAL A 15 -2.24 -8.35 -38.57
CA VAL A 15 -2.22 -7.80 -37.21
C VAL A 15 -3.63 -7.82 -36.62
N GLY A 16 -3.77 -8.40 -35.43
CA GLY A 16 -5.06 -8.46 -34.75
C GLY A 16 -5.84 -9.74 -34.97
N SER A 17 -5.36 -10.58 -35.90
CA SER A 17 -5.96 -11.89 -36.20
C SER A 17 -5.80 -12.84 -35.02
N ILE A 18 -6.79 -13.71 -34.83
CA ILE A 18 -6.79 -14.74 -33.80
C ILE A 18 -6.40 -16.06 -34.44
N ILE A 19 -5.35 -16.71 -33.91
CA ILE A 19 -4.90 -18.03 -34.32
C ILE A 19 -5.22 -18.94 -33.14
N GLN A 20 -5.98 -20.03 -33.38
CA GLN A 20 -6.34 -20.95 -32.31
C GLN A 20 -5.69 -22.28 -32.58
N GLN A 21 -4.87 -22.75 -31.65
CA GLN A 21 -4.18 -24.05 -31.74
C GLN A 21 -4.24 -24.75 -30.41
N ASN A 22 -4.67 -26.04 -30.42
CA ASN A 22 -4.82 -26.87 -29.23
C ASN A 22 -5.63 -26.16 -28.13
N ASN A 23 -6.73 -25.50 -28.55
CA ASN A 23 -7.68 -24.78 -27.70
C ASN A 23 -7.02 -23.66 -26.86
N ILE A 24 -6.02 -23.00 -27.47
CA ILE A 24 -5.40 -21.80 -26.93
C ILE A 24 -5.49 -20.77 -28.06
N LYS A 25 -6.03 -19.59 -27.76
CA LYS A 25 -6.10 -18.51 -28.74
C LYS A 25 -4.88 -17.61 -28.59
N TYR A 26 -4.35 -17.14 -29.71
CA TYR A 26 -3.22 -16.23 -29.81
C TYR A 26 -3.64 -15.07 -30.71
N LYS A 27 -3.21 -13.85 -30.40
CA LYS A 27 -3.56 -12.72 -31.24
C LYS A 27 -2.30 -12.10 -31.81
N VAL A 28 -2.24 -11.91 -33.14
CA VAL A 28 -1.09 -11.38 -33.85
C VAL A 28 -0.84 -9.94 -33.45
N LEU A 29 0.38 -9.69 -33.00
CA LEU A 29 0.84 -8.36 -32.60
C LEU A 29 1.59 -7.67 -33.73
N THR A 30 2.49 -8.42 -34.39
CA THR A 30 3.27 -7.95 -35.54
C THR A 30 3.43 -9.09 -36.55
N VAL A 31 3.65 -8.74 -37.82
CA VAL A 31 3.90 -9.71 -38.89
C VAL A 31 4.59 -8.99 -40.03
N GLU A 32 5.67 -9.59 -40.53
CA GLU A 32 6.42 -9.08 -41.67
C GLU A 32 6.95 -10.31 -42.38
N GLY A 33 6.44 -10.55 -43.58
CA GLY A 33 6.82 -11.72 -44.35
C GLY A 33 6.41 -12.96 -43.59
N ASN A 34 7.36 -13.86 -43.33
CA ASN A 34 7.05 -15.10 -42.61
C ASN A 34 7.45 -15.10 -41.15
N ILE A 35 7.70 -13.91 -40.57
CA ILE A 35 8.10 -13.75 -39.14
C ILE A 35 7.13 -12.83 -38.44
N GLY A 36 6.58 -13.27 -37.31
CA GLY A 36 5.66 -12.43 -36.54
C GLY A 36 5.70 -12.70 -35.06
N THR A 37 4.89 -11.95 -34.32
CA THR A 37 4.79 -12.12 -32.87
C THR A 37 3.35 -12.19 -32.50
N VAL A 38 3.06 -12.96 -31.43
CA VAL A 38 1.71 -13.05 -30.88
C VAL A 38 1.69 -12.87 -29.37
N GLN A 39 0.52 -12.47 -28.84
CA GLN A 39 0.21 -12.58 -27.43
C GLN A 39 -0.54 -13.89 -27.27
N VAL A 40 -0.34 -14.58 -26.12
CA VAL A 40 -1.10 -15.77 -25.76
C VAL A 40 -2.33 -15.27 -25.03
N GLY A 41 -3.49 -15.59 -25.58
CA GLY A 41 -4.79 -15.19 -25.09
C GLY A 41 -5.35 -14.11 -25.99
N ASN A 42 -6.70 -14.05 -26.13
CA ASN A 42 -7.33 -13.01 -26.97
C ASN A 42 -7.42 -11.66 -26.27
N GLY A 43 -7.04 -11.60 -24.98
CA GLY A 43 -7.05 -10.37 -24.19
C GLY A 43 -8.38 -10.08 -23.51
N VAL A 44 -9.33 -11.00 -23.65
CA VAL A 44 -10.71 -10.86 -23.12
C VAL A 44 -11.04 -12.02 -22.19
N THR A 45 -10.86 -13.25 -22.67
CA THR A 45 -11.19 -14.42 -21.87
C THR A 45 -9.96 -15.25 -21.50
N PRO A 46 -10.08 -16.00 -20.40
CA PRO A 46 -8.96 -16.84 -19.99
C PRO A 46 -8.86 -18.11 -20.81
N VAL A 47 -7.65 -18.62 -20.89
CA VAL A 47 -7.39 -19.94 -21.45
C VAL A 47 -8.13 -20.95 -20.55
N GLU A 48 -8.86 -21.87 -21.21
CA GLU A 48 -9.57 -22.93 -20.50
C GLU A 48 -8.71 -24.18 -20.51
N PHE A 49 -8.45 -24.76 -19.33
CA PHE A 49 -7.63 -25.94 -19.17
C PHE A 49 -8.49 -27.19 -19.18
N GLU A 50 -7.89 -28.31 -19.56
CA GLU A 50 -8.51 -29.62 -19.56
C GLU A 50 -8.57 -30.15 -18.14
N ALA A 51 -9.50 -31.07 -17.84
CA ALA A 51 -9.60 -31.68 -16.52
C ALA A 51 -8.26 -32.24 -16.07
N GLY A 52 -7.57 -32.95 -16.98
CA GLY A 52 -6.30 -33.59 -16.67
C GLY A 52 -5.17 -32.64 -16.33
N GLN A 53 -5.33 -31.35 -16.72
CA GLN A 53 -4.34 -30.29 -16.45
C GLN A 53 -4.55 -29.68 -15.07
N ASP A 54 -5.70 -29.89 -14.43
CA ASP A 54 -5.99 -29.34 -13.10
C ASP A 54 -4.97 -29.80 -12.07
N GLY A 55 -4.35 -28.85 -11.35
CA GLY A 55 -3.40 -29.17 -10.29
C GLY A 55 -2.09 -29.81 -10.74
N LYS A 56 -1.73 -29.60 -12.02
CA LYS A 56 -0.48 -30.14 -12.57
C LYS A 56 0.32 -29.00 -13.21
N PRO A 57 1.65 -29.13 -13.38
CA PRO A 57 2.43 -28.05 -13.99
C PRO A 57 2.07 -27.80 -15.44
N PHE A 58 2.15 -26.53 -15.86
CA PHE A 58 1.86 -26.15 -17.22
C PHE A 58 2.95 -25.21 -17.73
N THR A 59 3.32 -25.31 -19.00
CA THR A 59 4.29 -24.43 -19.63
C THR A 59 3.61 -23.63 -20.73
N ILE A 60 3.76 -22.31 -20.68
CA ILE A 60 3.20 -21.47 -21.72
C ILE A 60 3.97 -21.72 -23.00
N PRO A 61 3.27 -22.00 -24.13
CA PRO A 61 3.98 -22.18 -25.39
C PRO A 61 4.81 -20.95 -25.80
N THR A 62 5.88 -21.16 -26.58
CA THR A 62 6.79 -20.08 -26.97
C THR A 62 6.73 -19.71 -28.44
N LYS A 63 6.23 -20.64 -29.26
CA LYS A 63 6.24 -20.46 -30.70
C LYS A 63 5.06 -21.17 -31.29
N ILE A 64 4.43 -20.53 -32.29
CA ILE A 64 3.34 -21.15 -33.03
C ILE A 64 3.65 -20.98 -34.51
N THR A 65 3.26 -21.97 -35.31
CA THR A 65 3.51 -21.88 -36.74
C THR A 65 2.20 -21.98 -37.50
N VAL A 66 2.10 -21.21 -38.59
CA VAL A 66 0.91 -21.23 -39.45
C VAL A 66 1.48 -21.27 -40.87
N GLY A 67 1.41 -22.44 -41.49
CA GLY A 67 2.00 -22.63 -42.83
C GLY A 67 3.50 -22.38 -42.76
N ASP A 68 4.03 -21.44 -43.57
CA ASP A 68 5.45 -21.14 -43.56
C ASP A 68 5.77 -19.92 -42.66
N LYS A 69 4.81 -19.52 -41.82
CA LYS A 69 5.02 -18.36 -40.92
C LYS A 69 5.27 -18.85 -39.50
N VAL A 70 6.13 -18.14 -38.79
CA VAL A 70 6.49 -18.47 -37.42
C VAL A 70 6.18 -17.26 -36.55
N PHE A 71 5.38 -17.48 -35.51
CA PHE A 71 5.00 -16.42 -34.57
C PHE A 71 5.59 -16.74 -33.19
N THR A 72 6.45 -15.85 -32.69
CA THR A 72 7.05 -16.01 -31.36
C THR A 72 6.03 -15.43 -30.35
N VAL A 73 5.79 -16.15 -29.25
CA VAL A 73 4.85 -15.71 -28.20
C VAL A 73 5.65 -14.72 -27.32
N THR A 74 5.37 -13.41 -27.46
CA THR A 74 6.14 -12.38 -26.75
C THR A 74 5.40 -11.77 -25.57
N GLU A 75 4.09 -12.01 -25.46
CA GLU A 75 3.30 -11.40 -24.40
C GLU A 75 2.26 -12.33 -23.86
N VAL A 76 1.96 -12.17 -22.56
CA VAL A 76 0.82 -12.82 -21.93
C VAL A 76 -0.30 -11.78 -21.99
N ALA A 77 -1.40 -12.10 -22.71
CA ALA A 77 -2.50 -11.16 -22.83
C ALA A 77 -3.26 -10.95 -21.52
N SER A 78 -3.96 -9.81 -21.40
CA SER A 78 -4.79 -9.60 -20.24
C SER A 78 -5.78 -10.78 -20.12
N GLN A 79 -6.01 -11.25 -18.89
CA GLN A 79 -6.92 -12.35 -18.55
C GLN A 79 -6.47 -13.72 -19.05
N ALA A 80 -5.37 -13.83 -19.82
CA ALA A 80 -5.03 -15.14 -20.41
C ALA A 80 -4.92 -16.27 -19.41
N PHE A 81 -4.24 -16.02 -18.30
CA PHE A 81 -4.08 -17.06 -17.28
C PHE A 81 -4.76 -16.64 -15.98
N SER A 82 -5.87 -15.91 -16.12
CA SER A 82 -6.62 -15.54 -14.95
CA SER A 82 -6.66 -15.52 -14.99
C SER A 82 -7.49 -16.71 -14.51
N TYR A 83 -7.81 -16.74 -13.23
CA TYR A 83 -8.67 -17.75 -12.68
C TYR A 83 -9.88 -17.02 -12.19
N TYR A 84 -11.03 -17.48 -12.68
CA TYR A 84 -12.34 -17.00 -12.26
C TYR A 84 -13.27 -18.16 -12.00
N PRO A 85 -14.08 -18.06 -10.96
CA PRO A 85 -15.11 -19.07 -10.74
C PRO A 85 -16.20 -18.94 -11.80
N ASP A 86 -16.97 -20.01 -11.99
CA ASP A 86 -18.05 -20.03 -12.96
C ASP A 86 -19.36 -19.84 -12.22
N GLU A 87 -20.34 -19.20 -12.88
CA GLU A 87 -21.67 -18.95 -12.30
C GLU A 87 -22.33 -20.27 -11.82
N THR A 88 -22.03 -21.41 -12.49
CA THR A 88 -22.57 -22.72 -12.12
C THR A 88 -21.95 -23.28 -10.85
N GLY A 89 -20.75 -22.82 -10.48
CA GLY A 89 -20.10 -23.43 -9.34
C GLY A 89 -19.33 -24.69 -9.69
N ARG A 90 -19.28 -25.05 -11.00
CA ARG A 90 -18.49 -26.19 -11.47
C ARG A 90 -17.01 -25.90 -11.16
N ILE A 91 -16.18 -26.95 -11.06
CA ILE A 91 -14.73 -26.77 -10.90
C ILE A 91 -14.20 -26.15 -12.20
N VAL A 92 -13.36 -25.09 -12.07
CA VAL A 92 -12.70 -24.43 -13.19
C VAL A 92 -11.26 -24.90 -13.04
N TYR A 93 -10.77 -25.65 -14.04
CA TYR A 93 -9.46 -26.29 -13.97
C TYR A 93 -8.34 -25.30 -14.06
N TYR A 94 -7.25 -25.54 -13.34
CA TYR A 94 -6.14 -24.59 -13.37
C TYR A 94 -4.87 -25.30 -12.93
N PRO A 95 -3.72 -25.01 -13.58
CA PRO A 95 -2.48 -25.68 -13.22
C PRO A 95 -1.95 -25.36 -11.82
N SER A 96 -1.07 -26.22 -11.30
CA SER A 96 -0.47 -25.99 -9.98
C SER A 96 0.74 -25.04 -10.05
N SER A 97 1.35 -24.93 -11.22
CA SER A 97 2.50 -24.07 -11.46
C SER A 97 2.51 -23.72 -12.92
N ILE A 98 3.10 -22.58 -13.28
CA ILE A 98 3.18 -22.17 -14.66
C ILE A 98 4.61 -21.78 -14.95
N THR A 99 5.17 -22.31 -16.04
CA THR A 99 6.52 -21.98 -16.49
C THR A 99 6.41 -21.00 -17.64
N ILE A 100 7.18 -19.88 -17.55
CA ILE A 100 7.17 -18.82 -18.53
C ILE A 100 8.41 -18.94 -19.39
N PRO A 101 8.25 -19.08 -20.72
CA PRO A 101 9.43 -19.23 -21.59
C PRO A 101 10.17 -17.91 -21.71
N SER A 102 11.45 -17.97 -22.17
CA SER A 102 12.26 -16.76 -22.29
CA SER A 102 12.30 -16.80 -22.34
C SER A 102 11.69 -15.72 -23.24
N SER A 103 10.93 -16.13 -24.27
CA SER A 103 10.35 -15.21 -25.24
C SER A 103 9.35 -14.18 -24.66
N ILE A 104 8.76 -14.46 -23.48
CA ILE A 104 7.79 -13.50 -22.93
C ILE A 104 8.49 -12.20 -22.49
N LYS A 105 8.15 -11.08 -23.13
CA LYS A 105 8.71 -9.78 -22.78
C LYS A 105 7.76 -8.95 -21.92
N LYS A 106 6.44 -9.20 -21.98
CA LYS A 106 5.48 -8.42 -21.22
C LYS A 106 4.38 -9.30 -20.74
N ILE A 107 3.93 -9.07 -19.51
CA ILE A 107 2.73 -9.67 -18.93
C ILE A 107 1.75 -8.49 -18.85
N GLN A 108 0.71 -8.53 -19.67
CA GLN A 108 -0.29 -7.47 -19.71
C GLN A 108 -1.11 -7.42 -18.42
N LYS A 109 -1.90 -6.34 -18.27
CA LYS A 109 -2.70 -6.17 -17.05
C LYS A 109 -3.58 -7.37 -16.80
N LYS A 110 -3.63 -7.84 -15.54
CA LYS A 110 -4.46 -8.98 -15.16
C LYS A 110 -4.12 -10.25 -15.95
N GLY A 111 -2.88 -10.39 -16.43
CA GLY A 111 -2.54 -11.61 -17.17
C GLY A 111 -2.70 -12.87 -16.35
N PHE A 112 -2.50 -12.80 -15.01
CA PHE A 112 -2.59 -13.93 -14.10
C PHE A 112 -3.51 -13.58 -12.92
N HIS A 113 -4.54 -12.74 -13.16
CA HIS A 113 -5.42 -12.36 -12.06
C HIS A 113 -5.96 -13.62 -11.35
N GLY A 114 -5.94 -13.65 -10.03
CA GLY A 114 -6.48 -14.74 -9.24
C GLY A 114 -5.84 -16.09 -9.46
N SER A 115 -4.70 -16.13 -10.16
CA SER A 115 -4.03 -17.38 -10.48
C SER A 115 -3.95 -18.35 -9.32
N LYS A 116 -4.27 -19.62 -9.56
CA LYS A 116 -4.16 -20.64 -8.53
C LYS A 116 -2.78 -21.30 -8.54
N ALA A 117 -1.87 -20.87 -9.45
CA ALA A 117 -0.52 -21.43 -9.47
C ALA A 117 0.22 -21.04 -8.17
N LYS A 118 0.83 -22.03 -7.52
CA LYS A 118 1.57 -21.78 -6.28
C LYS A 118 2.94 -21.20 -6.61
N THR A 119 3.44 -21.49 -7.78
CA THR A 119 4.68 -20.91 -8.24
C THR A 119 4.63 -20.58 -9.72
N ILE A 120 5.44 -19.60 -10.10
CA ILE A 120 5.66 -19.16 -11.46
C ILE A 120 7.14 -19.33 -11.63
N ILE A 121 7.53 -20.15 -12.62
CA ILE A 121 8.92 -20.47 -12.87
C ILE A 121 9.35 -19.81 -14.16
N PHE A 122 10.52 -19.17 -14.15
CA PHE A 122 11.04 -18.59 -15.37
C PHE A 122 12.09 -19.50 -15.97
N ASP A 123 11.99 -19.76 -17.28
CA ASP A 123 13.04 -20.50 -17.97
C ASP A 123 14.26 -19.60 -17.97
N LYS A 124 15.45 -20.20 -18.08
CA LYS A 124 16.70 -19.45 -18.13
C LYS A 124 16.67 -18.40 -19.29
N GLY A 125 17.30 -17.25 -19.07
CA GLY A 125 17.39 -16.20 -20.06
C GLY A 125 16.10 -15.46 -20.31
N SER A 126 15.26 -15.30 -19.26
CA SER A 126 14.02 -14.54 -19.44
C SER A 126 14.24 -13.18 -20.07
N GLN A 127 13.32 -12.80 -20.94
CA GLN A 127 13.30 -11.50 -21.59
C GLN A 127 12.22 -10.60 -20.96
N LEU A 128 11.61 -11.04 -19.85
CA LEU A 128 10.50 -10.31 -19.23
C LEU A 128 10.95 -8.91 -18.80
N GLU A 129 10.36 -7.86 -19.38
CA GLU A 129 10.73 -6.48 -19.06
C GLU A 129 9.66 -5.79 -18.20
N LYS A 130 8.38 -6.10 -18.43
CA LYS A 130 7.30 -5.39 -17.73
C LYS A 130 6.23 -6.36 -17.24
N ILE A 131 5.81 -6.20 -15.99
CA ILE A 131 4.66 -6.87 -15.42
C ILE A 131 3.68 -5.70 -15.24
N GLU A 132 2.58 -5.71 -16.00
CA GLU A 132 1.62 -4.62 -15.94
C GLU A 132 0.65 -4.73 -14.78
N ASP A 133 -0.22 -3.73 -14.65
CA ASP A 133 -1.11 -3.58 -13.52
C ASP A 133 -1.86 -4.82 -13.16
N ARG A 134 -1.90 -5.14 -11.86
CA ARG A 134 -2.73 -6.25 -11.37
C ARG A 134 -2.45 -7.58 -12.04
N ALA A 135 -1.23 -7.78 -12.54
CA ALA A 135 -0.96 -9.05 -13.22
C ALA A 135 -1.20 -10.27 -12.35
N PHE A 136 -0.93 -10.17 -11.05
CA PHE A 136 -1.07 -11.29 -10.12
C PHE A 136 -1.93 -10.88 -8.95
N ASP A 137 -2.90 -9.95 -9.14
CA ASP A 137 -3.69 -9.60 -7.97
C ASP A 137 -4.60 -10.75 -7.55
N PHE A 138 -4.81 -10.92 -6.24
CA PHE A 138 -5.65 -11.97 -5.66
C PHE A 138 -5.11 -13.37 -6.01
N SER A 139 -3.81 -13.47 -6.36
CA SER A 139 -3.27 -14.78 -6.72
C SER A 139 -3.01 -15.66 -5.49
N GLU A 140 -2.84 -16.97 -5.75
CA GLU A 140 -2.47 -17.94 -4.71
C GLU A 140 -0.96 -18.24 -4.75
N LEU A 141 -0.19 -17.36 -5.42
CA LEU A 141 1.25 -17.50 -5.53
C LEU A 141 1.90 -17.61 -4.15
N GLU A 142 2.81 -18.56 -3.99
CA GLU A 142 3.52 -18.70 -2.73
C GLU A 142 4.94 -18.25 -2.85
N GLU A 143 5.56 -18.47 -4.01
CA GLU A 143 6.96 -18.13 -4.23
C GLU A 143 7.18 -17.70 -5.66
N ILE A 144 8.03 -16.69 -5.87
CA ILE A 144 8.41 -16.25 -7.20
C ILE A 144 9.76 -15.55 -7.13
N GLU A 145 10.62 -15.85 -8.09
CA GLU A 145 11.90 -15.19 -8.23
C GLU A 145 11.84 -14.45 -9.56
N LEU A 146 11.81 -13.10 -9.51
CA LEU A 146 11.65 -12.29 -10.72
C LEU A 146 12.95 -12.16 -11.46
N PRO A 147 12.93 -12.27 -12.79
CA PRO A 147 14.21 -12.34 -13.54
C PRO A 147 14.91 -10.99 -13.60
N ALA A 148 16.20 -11.04 -13.92
CA ALA A 148 17.04 -9.85 -14.00
C ALA A 148 16.57 -8.84 -15.04
N SER A 149 15.94 -9.32 -16.14
CA SER A 149 15.47 -8.45 -17.20
C SER A 149 14.33 -7.54 -16.76
N LEU A 150 13.62 -7.89 -15.66
CA LEU A 150 12.44 -7.12 -15.28
C LEU A 150 12.79 -5.70 -14.86
N GLU A 151 12.18 -4.71 -15.52
CA GLU A 151 12.44 -3.30 -15.24
C GLU A 151 11.28 -2.56 -14.56
N TYR A 152 10.04 -3.06 -14.71
CA TYR A 152 8.87 -2.33 -14.27
C TYR A 152 7.86 -3.29 -13.67
N ILE A 153 7.32 -2.94 -12.50
CA ILE A 153 6.21 -3.67 -11.87
C ILE A 153 5.06 -2.69 -11.74
N GLY A 154 3.93 -3.02 -12.35
CA GLY A 154 2.75 -2.17 -12.37
C GLY A 154 1.93 -2.08 -11.09
N THR A 155 0.92 -1.20 -11.15
CA THR A 155 0.07 -0.89 -10.01
C THR A 155 -0.61 -2.15 -9.50
N SER A 156 -0.56 -2.35 -8.18
CA SER A 156 -1.26 -3.46 -7.52
C SER A 156 -0.88 -4.81 -8.13
N ALA A 157 0.35 -4.94 -8.68
CA ALA A 157 0.70 -6.18 -9.37
C ALA A 157 0.56 -7.44 -8.55
N PHE A 158 0.89 -7.43 -7.27
CA PHE A 158 0.78 -8.63 -6.43
C PHE A 158 -0.23 -8.44 -5.31
N SER A 159 -1.00 -7.35 -5.36
CA SER A 159 -1.93 -7.02 -4.30
C SER A 159 -2.85 -8.18 -4.00
N PHE A 160 -3.06 -8.44 -2.70
CA PHE A 160 -3.98 -9.48 -2.23
C PHE A 160 -3.50 -10.90 -2.54
N SER A 161 -2.20 -11.08 -2.81
CA SER A 161 -1.60 -12.41 -2.92
C SER A 161 -1.31 -12.86 -1.48
N GLN A 162 -2.35 -13.32 -0.80
CA GLN A 162 -2.31 -13.58 0.64
C GLN A 162 -1.40 -14.71 1.07
N LYS A 163 -1.04 -15.64 0.17
CA LYS A 163 -0.17 -16.75 0.53
C LYS A 163 1.27 -16.51 0.09
N LEU A 164 1.55 -15.36 -0.55
CA LEU A 164 2.90 -15.08 -1.05
C LEU A 164 3.88 -15.00 0.13
N LYS A 165 4.85 -15.93 0.16
CA LYS A 165 5.78 -16.00 1.28
C LYS A 165 7.21 -15.66 0.89
N LYS A 166 7.56 -15.80 -0.37
CA LYS A 166 8.91 -15.47 -0.83
C LYS A 166 8.84 -14.74 -2.15
N LEU A 167 9.38 -13.54 -2.21
CA LEU A 167 9.41 -12.76 -3.45
C LEU A 167 10.81 -12.23 -3.53
N THR A 168 11.58 -12.72 -4.51
CA THR A 168 12.97 -12.32 -4.65
C THR A 168 13.24 -11.88 -6.08
N PHE A 169 14.41 -11.28 -6.30
CA PHE A 169 14.84 -10.75 -7.58
C PHE A 169 16.17 -11.35 -7.90
N SER A 170 16.28 -11.95 -9.08
CA SER A 170 17.52 -12.57 -9.56
C SER A 170 18.68 -11.56 -9.52
N SER A 171 19.94 -12.11 -9.49
CA SER A 171 21.13 -11.26 -9.46
CA SER A 171 21.15 -11.28 -9.47
C SER A 171 21.19 -10.38 -10.70
N SER A 172 21.81 -9.22 -10.59
CA SER A 172 21.94 -8.24 -11.66
C SER A 172 20.56 -7.73 -12.12
N SER A 173 19.63 -7.55 -11.15
CA SER A 173 18.31 -7.03 -11.46
C SER A 173 18.38 -5.68 -12.13
N LYS A 174 17.51 -5.46 -13.11
CA LYS A 174 17.34 -4.17 -13.80
C LYS A 174 16.05 -3.47 -13.32
N LEU A 175 15.47 -3.94 -12.19
CA LEU A 175 14.21 -3.39 -11.70
C LEU A 175 14.36 -1.94 -11.30
N GLU A 176 13.63 -1.03 -11.98
CA GLU A 176 13.83 0.38 -11.74
C GLU A 176 12.63 1.06 -11.08
N LEU A 177 11.43 0.53 -11.34
CA LEU A 177 10.22 1.17 -10.84
C LEU A 177 9.25 0.12 -10.33
N ILE A 178 8.73 0.33 -9.13
CA ILE A 178 7.70 -0.53 -8.53
C ILE A 178 6.55 0.41 -8.24
N SER A 179 5.40 0.18 -8.89
CA SER A 179 4.27 1.07 -8.82
CA SER A 179 4.24 1.07 -8.80
C SER A 179 3.40 0.98 -7.55
N HIS A 180 2.47 1.90 -7.45
CA HIS A 180 1.50 2.08 -6.38
C HIS A 180 0.90 0.74 -5.95
N GLU A 181 0.91 0.47 -4.64
CA GLU A 181 0.25 -0.72 -4.04
C GLU A 181 0.68 -2.04 -4.63
N ALA A 182 1.89 -2.13 -5.20
CA ALA A 182 2.28 -3.41 -5.81
C ALA A 182 2.34 -4.56 -4.81
N PHE A 183 2.65 -4.24 -3.53
CA PHE A 183 2.80 -5.26 -2.48
C PHE A 183 1.81 -5.01 -1.37
N ALA A 184 0.59 -4.61 -1.75
CA ALA A 184 -0.47 -4.29 -0.80
C ALA A 184 -1.30 -5.53 -0.45
N ASN A 185 -1.96 -5.49 0.72
CA ASN A 185 -2.89 -6.56 1.16
C ASN A 185 -2.25 -7.93 1.25
N LEU A 186 -0.96 -7.96 1.64
CA LEU A 186 -0.28 -9.24 1.80
C LEU A 186 -0.35 -9.73 3.23
N SER A 187 -0.30 -11.06 3.42
CA SER A 187 -0.49 -11.63 4.76
C SER A 187 0.61 -12.59 5.18
N ASN A 188 1.48 -13.04 4.25
CA ASN A 188 2.48 -14.04 4.57
C ASN A 188 3.88 -13.70 4.11
N LEU A 189 4.11 -12.44 3.68
CA LEU A 189 5.44 -12.03 3.20
C LEU A 189 6.20 -11.36 4.34
N GLU A 190 7.23 -12.03 4.87
CA GLU A 190 7.91 -11.48 6.03
C GLU A 190 9.09 -10.58 5.72
N LYS A 191 9.61 -10.66 4.51
CA LYS A 191 10.76 -9.81 4.16
C LYS A 191 10.80 -9.60 2.68
N LEU A 192 11.50 -8.53 2.27
CA LEU A 192 11.69 -8.16 0.88
C LEU A 192 13.01 -7.41 0.82
N THR A 193 13.79 -7.61 -0.26
CA THR A 193 15.01 -6.83 -0.51
C THR A 193 14.87 -6.10 -1.82
N LEU A 194 14.93 -4.76 -1.76
CA LEU A 194 14.86 -3.96 -2.99
C LEU A 194 16.22 -3.98 -3.70
N PRO A 195 16.25 -4.31 -4.99
CA PRO A 195 17.54 -4.30 -5.70
C PRO A 195 18.17 -2.91 -5.75
N LYS A 196 19.50 -2.89 -5.98
CA LYS A 196 20.27 -1.67 -6.10
C LYS A 196 19.75 -0.77 -7.24
N SER A 197 19.14 -1.36 -8.28
CA SER A 197 18.66 -0.60 -9.43
C SER A 197 17.34 0.20 -9.20
N VAL A 198 16.60 -0.10 -8.10
CA VAL A 198 15.30 0.53 -7.89
C VAL A 198 15.45 2.01 -7.62
N LYS A 199 14.82 2.82 -8.50
CA LYS A 199 14.89 4.28 -8.38
C LYS A 199 13.59 4.90 -7.91
N THR A 200 12.44 4.28 -8.24
CA THR A 200 11.13 4.88 -7.97
C THR A 200 10.23 3.85 -7.36
N LEU A 201 9.52 4.28 -6.29
CA LEU A 201 8.47 3.49 -5.62
C LEU A 201 7.20 4.28 -5.62
N GLY A 202 6.12 3.67 -6.06
CA GLY A 202 4.82 4.34 -6.01
C GLY A 202 4.30 4.42 -4.59
N SER A 203 3.22 5.13 -4.43
CA SER A 203 2.68 5.32 -3.07
C SER A 203 1.96 4.08 -2.55
N ASN A 204 1.85 3.99 -1.21
CA ASN A 204 1.10 2.94 -0.52
C ASN A 204 1.53 1.57 -0.96
N LEU A 205 2.86 1.40 -1.12
CA LEU A 205 3.40 0.18 -1.67
C LEU A 205 3.00 -1.05 -0.91
N PHE A 206 2.88 -0.91 0.42
CA PHE A 206 2.55 -2.02 1.31
C PHE A 206 1.19 -1.83 1.98
N ARG A 207 0.28 -1.06 1.37
CA ARG A 207 -1.00 -0.74 1.99
C ARG A 207 -1.70 -1.97 2.53
N LEU A 208 -2.09 -1.97 3.82
CA LEU A 208 -2.84 -3.05 4.48
C LEU A 208 -2.09 -4.36 4.58
N THR A 209 -0.79 -4.38 4.23
CA THR A 209 0.02 -5.57 4.45
C THR A 209 0.30 -5.76 5.96
N THR A 210 0.26 -7.02 6.42
CA THR A 210 0.31 -7.30 7.86
C THR A 210 1.45 -8.21 8.26
N SER A 211 2.35 -8.55 7.34
CA SER A 211 3.34 -9.59 7.56
C SER A 211 4.80 -9.20 7.60
N LEU A 212 5.15 -8.02 7.07
CA LEU A 212 6.57 -7.68 6.95
C LEU A 212 7.25 -7.41 8.27
N LYS A 213 8.45 -8.00 8.45
CA LYS A 213 9.28 -7.72 9.62
C LYS A 213 10.40 -6.74 9.26
N HIS A 214 10.85 -6.79 8.00
CA HIS A 214 11.92 -5.91 7.56
C HIS A 214 11.91 -5.80 6.05
N VAL A 215 12.20 -4.59 5.59
CA VAL A 215 12.37 -4.29 4.16
C VAL A 215 13.84 -3.89 4.04
N ASP A 216 14.61 -4.67 3.30
CA ASP A 216 16.04 -4.42 3.09
C ASP A 216 16.27 -3.72 1.76
N VAL A 217 17.42 -3.04 1.63
CA VAL A 217 17.78 -2.33 0.41
C VAL A 217 19.20 -2.76 0.05
N GLU A 218 19.38 -3.29 -1.15
CA GLU A 218 20.68 -3.76 -1.59
C GLU A 218 21.71 -2.64 -1.51
N GLU A 219 22.94 -2.99 -1.08
CA GLU A 219 24.03 -2.03 -1.00
C GLU A 219 24.21 -1.30 -2.34
N GLY A 220 24.36 0.02 -2.28
CA GLY A 220 24.59 0.78 -3.49
C GLY A 220 23.37 1.45 -4.09
N ASN A 221 22.16 1.17 -3.54
CA ASN A 221 20.96 1.82 -4.07
C ASN A 221 21.11 3.32 -3.85
N GLU A 222 20.85 4.11 -4.89
CA GLU A 222 21.06 5.57 -4.80
C GLU A 222 19.84 6.35 -4.38
N SER A 223 18.66 5.70 -4.27
CA SER A 223 17.40 6.41 -4.01
C SER A 223 16.76 6.07 -2.66
N PHE A 224 17.13 4.92 -2.09
CA PHE A 224 16.51 4.42 -0.85
C PHE A 224 17.52 3.87 0.11
N ALA A 225 17.14 3.84 1.39
CA ALA A 225 17.93 3.26 2.47
C ALA A 225 17.06 2.45 3.40
N SER A 226 17.67 1.45 4.03
CA SER A 226 17.00 0.60 5.02
C SER A 226 17.78 0.76 6.32
N VAL A 227 17.09 1.19 7.39
CA VAL A 227 17.73 1.34 8.70
C VAL A 227 16.96 0.49 9.69
N ASP A 228 17.57 -0.61 10.16
CA ASP A 228 16.90 -1.50 11.12
C ASP A 228 15.55 -2.01 10.56
N GLY A 229 15.55 -2.22 9.25
CA GLY A 229 14.43 -2.78 8.52
C GLY A 229 13.36 -1.77 8.12
N VAL A 230 13.56 -0.50 8.44
CA VAL A 230 12.65 0.62 8.11
C VAL A 230 13.09 1.24 6.80
N LEU A 231 12.15 1.41 5.86
CA LEU A 231 12.46 1.95 4.54
C LEU A 231 12.34 3.47 4.52
N PHE A 232 13.40 4.14 4.05
CA PHE A 232 13.49 5.58 3.89
C PHE A 232 13.95 5.92 2.48
N SER A 233 13.80 7.17 2.12
CA SER A 233 14.52 7.71 0.96
C SER A 233 16.02 7.73 1.39
N LYS A 234 16.94 7.67 0.40
CA LYS A 234 18.36 7.65 0.73
C LYS A 234 18.78 8.80 1.68
N ASP A 235 18.21 9.99 1.47
CA ASP A 235 18.54 11.17 2.30
C ASP A 235 17.80 11.21 3.66
N LYS A 236 16.97 10.18 3.95
CA LYS A 236 16.23 10.03 5.21
C LYS A 236 15.21 11.13 5.44
N THR A 237 14.87 11.94 4.41
CA THR A 237 13.82 12.95 4.56
C THR A 237 12.44 12.32 4.54
N GLN A 238 12.30 11.14 3.92
CA GLN A 238 10.99 10.48 3.84
C GLN A 238 11.08 9.15 4.53
N LEU A 239 10.24 8.93 5.56
CA LEU A 239 10.12 7.62 6.15
C LEU A 239 8.98 6.99 5.35
N ILE A 240 9.34 6.01 4.49
CA ILE A 240 8.38 5.44 3.56
C ILE A 240 7.57 4.33 4.22
N TYR A 241 8.25 3.38 4.87
CA TYR A 241 7.50 2.26 5.45
C TYR A 241 8.18 1.68 6.65
N TYR A 242 7.42 1.59 7.76
CA TYR A 242 7.86 0.96 9.00
C TYR A 242 7.17 -0.40 9.02
N PRO A 243 7.91 -1.53 8.91
CA PRO A 243 7.24 -2.85 8.83
C PRO A 243 6.28 -3.11 9.97
N SER A 244 5.06 -3.58 9.65
CA SER A 244 4.05 -3.77 10.68
C SER A 244 4.47 -4.75 11.75
N GLN A 245 5.36 -5.72 11.38
CA GLN A 245 5.75 -6.77 12.35
C GLN A 245 7.12 -6.55 12.95
N LYS A 246 7.72 -5.37 12.74
CA LYS A 246 8.99 -4.99 13.38
C LYS A 246 8.65 -4.86 14.89
N ASN A 247 9.32 -5.64 15.75
CA ASN A 247 8.82 -5.79 17.11
C ASN A 247 9.27 -4.78 18.18
N ASP A 248 10.02 -3.75 17.84
CA ASP A 248 10.46 -2.79 18.85
C ASP A 248 9.32 -2.09 19.58
N GLU A 249 9.42 -1.96 20.93
CA GLU A 249 8.34 -1.28 21.66
C GLU A 249 8.41 0.22 21.53
N SER A 250 9.60 0.78 21.26
CA SER A 250 9.73 2.23 21.15
C SER A 250 10.57 2.54 19.92
N TYR A 251 10.39 3.73 19.37
CA TYR A 251 11.12 4.14 18.18
C TYR A 251 11.20 5.63 18.13
N LYS A 252 12.34 6.14 17.61
CA LYS A 252 12.55 7.55 17.40
C LYS A 252 12.88 7.75 15.92
N THR A 253 12.12 8.61 15.22
CA THR A 253 12.46 8.89 13.83
C THR A 253 13.78 9.67 13.81
N PRO A 254 14.59 9.48 12.75
CA PRO A 254 15.87 10.22 12.66
C PRO A 254 15.68 11.71 12.49
N LYS A 255 16.70 12.49 12.88
CA LYS A 255 16.62 13.94 12.85
C LYS A 255 16.34 14.54 11.46
N GLU A 256 16.69 13.81 10.38
CA GLU A 256 16.52 14.28 9.01
C GLU A 256 15.09 14.15 8.51
N THR A 257 14.23 13.37 9.20
CA THR A 257 12.88 13.12 8.68
C THR A 257 12.07 14.39 8.49
N LYS A 258 11.50 14.57 7.31
CA LYS A 258 10.62 15.70 7.00
C LYS A 258 9.17 15.22 6.86
N GLU A 259 8.97 13.95 6.44
CA GLU A 259 7.61 13.47 6.31
C GLU A 259 7.50 11.99 6.55
N LEU A 260 6.30 11.59 7.06
CA LEU A 260 5.93 10.18 7.16
C LEU A 260 5.04 9.94 5.96
N ALA A 261 5.39 8.98 5.11
CA ALA A 261 4.58 8.71 3.92
C ALA A 261 3.21 8.19 4.31
N SER A 262 2.30 8.28 3.39
CA SER A 262 0.99 7.72 3.60
CA SER A 262 0.98 7.72 3.59
C SER A 262 1.13 6.22 3.89
N TYR A 263 0.31 5.69 4.84
CA TYR A 263 0.30 4.29 5.25
C TYR A 263 1.65 3.79 5.84
N SER A 264 2.53 4.72 6.22
CA SER A 264 3.86 4.29 6.67
C SER A 264 3.90 3.41 7.92
N PHE A 265 2.94 3.55 8.87
CA PHE A 265 2.89 2.69 10.08
C PHE A 265 1.54 1.97 10.08
N ASN A 266 0.96 1.76 8.90
CA ASN A 266 -0.31 1.06 8.83
C ASN A 266 -0.18 -0.37 9.38
N LYS A 267 -1.21 -0.82 10.10
CA LYS A 267 -1.31 -2.19 10.66
C LYS A 267 -0.23 -2.50 11.68
N ASN A 268 0.45 -1.49 12.19
CA ASN A 268 1.54 -1.72 13.11
C ASN A 268 1.09 -2.55 14.32
N SER A 269 1.82 -3.63 14.62
CA SER A 269 1.42 -4.56 15.66
C SER A 269 2.13 -4.39 17.01
N TYR A 270 3.33 -3.79 17.04
CA TYR A 270 4.13 -3.84 18.26
C TYR A 270 4.56 -2.53 18.85
N LEU A 271 4.64 -1.47 18.04
CA LEU A 271 5.13 -0.21 18.56
C LEU A 271 4.21 0.42 19.61
N LYS A 272 4.76 0.79 20.78
CA LYS A 272 3.99 1.43 21.85
C LYS A 272 4.32 2.88 22.02
N LYS A 273 5.57 3.30 21.78
CA LYS A 273 5.98 4.68 21.98
CA LYS A 273 5.97 4.68 21.98
C LYS A 273 6.73 5.17 20.76
N LEU A 274 6.26 6.27 20.19
CA LEU A 274 6.87 6.84 18.99
C LEU A 274 7.23 8.27 19.25
N GLU A 275 8.51 8.60 19.07
CA GLU A 275 8.94 9.97 19.22
C GLU A 275 9.28 10.54 17.87
N LEU A 276 8.54 11.54 17.39
CA LEU A 276 8.84 12.19 16.13
C LEU A 276 9.83 13.30 16.39
N ASN A 277 10.60 13.63 15.35
CA ASN A 277 11.67 14.59 15.51
C ASN A 277 11.32 16.01 15.12
N GLU A 278 11.96 17.02 15.76
CA GLU A 278 11.84 18.37 15.25
C GLU A 278 12.41 18.36 13.83
N GLY A 279 11.72 19.05 12.94
CA GLY A 279 12.06 19.11 11.53
C GLY A 279 11.00 18.38 10.71
N LEU A 280 10.29 17.43 11.34
CA LEU A 280 9.20 16.70 10.65
C LEU A 280 8.06 17.68 10.41
N GLU A 281 7.61 17.76 9.17
CA GLU A 281 6.57 18.71 8.76
C GLU A 281 5.23 18.09 8.44
N LYS A 282 5.21 16.85 7.97
CA LYS A 282 3.98 16.24 7.46
C LYS A 282 3.83 14.80 7.86
N ILE A 283 2.59 14.45 8.23
CA ILE A 283 2.19 13.07 8.51
C ILE A 283 1.16 12.69 7.45
N GLY A 284 1.51 11.70 6.62
CA GLY A 284 0.68 11.26 5.49
C GLY A 284 -0.62 10.61 5.87
N THR A 285 -1.51 10.46 4.87
CA THR A 285 -2.82 9.87 5.10
C THR A 285 -2.67 8.41 5.59
N PHE A 286 -3.53 8.00 6.56
CA PHE A 286 -3.49 6.67 7.15
C PHE A 286 -2.14 6.33 7.78
N ALA A 287 -1.30 7.34 8.12
CA ALA A 287 0.03 6.98 8.60
C ALA A 287 -0.01 5.99 9.76
N PHE A 288 -0.89 6.19 10.75
CA PHE A 288 -0.94 5.31 11.91
C PHE A 288 -2.21 4.50 11.93
N ALA A 289 -2.88 4.34 10.79
CA ALA A 289 -4.11 3.59 10.76
C ALA A 289 -3.91 2.15 11.23
N ASP A 290 -4.68 1.72 12.21
CA ASP A 290 -4.59 0.36 12.77
C ASP A 290 -3.20 0.05 13.37
N ALA A 291 -2.51 1.08 13.91
CA ALA A 291 -1.29 0.85 14.72
C ALA A 291 -1.90 0.61 16.09
N ILE A 292 -2.16 -0.68 16.38
CA ILE A 292 -3.02 -1.04 17.52
C ILE A 292 -2.34 -1.13 18.88
N LYS A 293 -1.02 -0.97 18.95
CA LYS A 293 -0.37 -0.96 20.26
C LYS A 293 0.16 0.43 20.65
N LEU A 294 0.11 1.42 19.72
CA LEU A 294 0.64 2.76 19.96
C LEU A 294 -0.05 3.40 21.15
N GLU A 295 0.70 3.73 22.20
CA GLU A 295 0.15 4.32 23.42
C GLU A 295 0.44 5.79 23.50
N GLU A 296 1.63 6.17 23.01
CA GLU A 296 2.08 7.55 23.08
C GLU A 296 2.84 7.94 21.83
N ILE A 297 2.57 9.17 21.39
CA ILE A 297 3.25 9.74 20.24
C ILE A 297 3.65 11.15 20.53
N SER A 298 4.91 11.53 20.27
CA SER A 298 5.35 12.89 20.49
CA SER A 298 5.33 12.90 20.49
C SER A 298 5.31 13.61 19.13
N LEU A 299 4.54 14.70 19.02
CA LEU A 299 4.39 15.47 17.79
C LEU A 299 5.18 16.76 17.93
N PRO A 300 5.98 17.10 16.90
CA PRO A 300 6.92 18.22 17.04
C PRO A 300 6.38 19.61 16.74
N ASN A 301 7.08 20.66 17.24
CA ASN A 301 6.72 22.04 16.98
C ASN A 301 6.68 22.35 15.49
N SER A 302 7.54 21.66 14.68
CA SER A 302 7.61 21.87 13.25
C SER A 302 6.43 21.28 12.46
N LEU A 303 5.57 20.46 13.11
CA LEU A 303 4.51 19.79 12.35
C LEU A 303 3.51 20.76 11.75
N GLU A 304 3.35 20.69 10.40
CA GLU A 304 2.45 21.59 9.69
C GLU A 304 1.18 20.91 9.20
N THR A 305 1.26 19.63 8.82
CA THR A 305 0.16 18.95 8.14
C THR A 305 -0.05 17.59 8.71
N ILE A 306 -1.32 17.25 8.99
CA ILE A 306 -1.70 15.91 9.42
C ILE A 306 -2.85 15.50 8.50
N GLU A 307 -2.62 14.52 7.62
CA GLU A 307 -3.59 14.15 6.61
C GLU A 307 -4.70 13.23 7.09
N ARG A 308 -5.64 12.98 6.19
CA ARG A 308 -6.82 12.18 6.43
C ARG A 308 -6.54 10.84 7.11
N LEU A 309 -7.27 10.57 8.18
CA LEU A 309 -7.23 9.30 8.90
C LEU A 309 -5.82 8.91 9.32
N ALA A 310 -5.02 9.90 9.69
CA ALA A 310 -3.67 9.57 10.20
C ALA A 310 -3.78 8.81 11.54
N PHE A 311 -4.74 9.22 12.38
CA PHE A 311 -5.01 8.59 13.67
C PHE A 311 -6.35 7.90 13.54
N TYR A 312 -6.33 6.60 13.28
CA TYR A 312 -7.54 5.84 12.97
C TYR A 312 -7.38 4.45 13.50
N GLY A 313 -8.25 4.07 14.43
CA GLY A 313 -8.18 2.71 14.97
C GLY A 313 -6.99 2.46 15.87
N ASN A 314 -6.43 3.51 16.49
CA ASN A 314 -5.32 3.35 17.43
C ASN A 314 -5.91 2.91 18.78
N LEU A 315 -6.08 1.59 18.91
CA LEU A 315 -6.79 0.96 20.03
C LEU A 315 -6.21 1.27 21.41
N GLU A 316 -4.91 1.62 21.49
CA GLU A 316 -4.28 1.88 22.77
C GLU A 316 -3.79 3.30 22.98
N LEU A 317 -4.05 4.21 22.01
CA LEU A 317 -3.51 5.57 22.15
C LEU A 317 -4.15 6.30 23.32
N LYS A 318 -3.35 6.78 24.27
CA LYS A 318 -3.90 7.34 25.50
C LYS A 318 -4.16 8.82 25.50
N GLU A 319 -3.38 9.58 24.71
CA GLU A 319 -3.47 11.04 24.70
C GLU A 319 -2.93 11.50 23.39
N LEU A 320 -3.34 12.73 22.98
CA LEU A 320 -2.77 13.36 21.81
C LEU A 320 -2.61 14.81 22.12
N ILE A 321 -1.41 15.33 21.89
CA ILE A 321 -1.13 16.73 22.03
C ILE A 321 -0.81 17.27 20.64
N LEU A 322 -1.75 17.98 20.04
CA LEU A 322 -1.52 18.58 18.72
C LEU A 322 -0.67 19.83 18.91
N PRO A 323 0.47 19.90 18.23
CA PRO A 323 1.40 20.99 18.47
C PRO A 323 0.90 22.34 18.02
N ASP A 324 1.62 23.37 18.45
CA ASP A 324 1.09 24.72 18.36
C ASP A 324 0.88 25.32 17.01
N ASN A 325 1.55 24.77 15.97
CA ASN A 325 1.60 25.39 14.66
C ASN A 325 1.02 24.57 13.50
N VAL A 326 0.22 23.52 13.81
CA VAL A 326 -0.36 22.75 12.73
C VAL A 326 -1.26 23.67 11.90
N LYS A 327 -1.10 23.65 10.57
CA LYS A 327 -1.83 24.50 9.66
C LYS A 327 -2.91 23.74 8.90
N ASN A 328 -2.65 22.46 8.60
CA ASN A 328 -3.54 21.72 7.72
C ASN A 328 -3.93 20.40 8.34
N PHE A 329 -5.23 20.17 8.46
CA PHE A 329 -5.77 18.90 8.91
C PHE A 329 -6.60 18.30 7.79
N GLY A 330 -6.36 17.03 7.45
CA GLY A 330 -7.20 16.39 6.45
C GLY A 330 -8.54 16.02 7.07
N LYS A 331 -9.46 15.56 6.22
CA LYS A 331 -10.79 15.12 6.64
C LYS A 331 -10.65 13.88 7.54
N HIS A 332 -11.43 13.77 8.62
CA HIS A 332 -11.37 12.61 9.51
C HIS A 332 -9.95 12.35 10.02
N VAL A 333 -9.29 13.41 10.51
CA VAL A 333 -7.91 13.25 10.93
C VAL A 333 -7.80 12.34 12.15
N MET A 334 -8.81 12.37 13.07
CA MET A 334 -8.80 11.52 14.27
C MET A 334 -10.13 10.78 14.33
N ASN A 335 -10.08 9.46 14.25
CA ASN A 335 -11.32 8.70 14.29
C ASN A 335 -11.04 7.34 14.94
N GLY A 336 -11.90 6.92 15.86
CA GLY A 336 -11.82 5.57 16.42
C GLY A 336 -10.60 5.36 17.30
N LEU A 337 -10.61 6.05 18.43
CA LEU A 337 -9.50 6.10 19.42
C LEU A 337 -10.10 5.76 20.78
N PRO A 338 -10.39 4.45 20.98
CA PRO A 338 -11.20 4.06 22.15
C PRO A 338 -10.57 4.20 23.51
N LYS A 339 -9.23 4.40 23.59
CA LYS A 339 -8.56 4.59 24.87
C LYS A 339 -8.01 5.99 25.02
N LEU A 340 -8.35 6.89 24.05
CA LEU A 340 -7.90 8.26 24.12
C LEU A 340 -8.58 8.95 25.29
N LYS A 341 -7.83 9.39 26.30
CA LYS A 341 -8.39 10.04 27.48
C LYS A 341 -8.41 11.55 27.35
N SER A 342 -7.45 12.11 26.60
CA SER A 342 -7.32 13.53 26.52
C SER A 342 -6.79 13.95 25.17
N LEU A 343 -7.26 15.11 24.70
CA LEU A 343 -6.78 15.75 23.47
C LEU A 343 -6.43 17.20 23.80
N THR A 344 -5.24 17.67 23.39
CA THR A 344 -4.89 19.07 23.52
C THR A 344 -4.68 19.67 22.14
N ILE A 345 -5.24 20.84 21.91
CA ILE A 345 -5.15 21.52 20.63
C ILE A 345 -4.26 22.74 20.87
N GLY A 346 -3.12 22.76 20.19
CA GLY A 346 -2.07 23.77 20.34
C GLY A 346 -2.46 25.22 20.13
N ASN A 347 -1.55 26.12 20.59
CA ASN A 347 -1.79 27.57 20.68
C ASN A 347 -2.28 28.29 19.44
N ASN A 348 -1.70 28.00 18.27
CA ASN A 348 -2.05 28.79 17.11
C ASN A 348 -3.03 28.10 16.17
N ILE A 349 -3.78 27.09 16.69
CA ILE A 349 -4.81 26.42 15.90
C ILE A 349 -6.10 27.15 16.27
N ASN A 350 -6.58 27.97 15.34
CA ASN A 350 -7.75 28.83 15.60
C ASN A 350 -8.96 28.49 14.74
N SER A 351 -8.87 27.46 13.90
CA SER A 351 -9.97 27.06 13.05
C SER A 351 -9.98 25.54 13.04
N LEU A 352 -11.10 24.95 13.44
CA LEU A 352 -11.22 23.49 13.46
C LEU A 352 -12.09 23.06 12.33
N PRO A 353 -11.57 22.21 11.43
CA PRO A 353 -12.35 21.84 10.24
C PRO A 353 -13.44 20.82 10.49
N SER A 354 -14.24 20.57 9.46
CA SER A 354 -15.27 19.56 9.51
C SER A 354 -14.59 18.22 9.71
N PHE A 355 -15.27 17.30 10.40
CA PHE A 355 -14.83 15.90 10.55
C PHE A 355 -13.51 15.76 11.28
N PHE A 356 -13.21 16.67 12.19
CA PHE A 356 -11.97 16.70 12.96
C PHE A 356 -11.83 15.53 13.93
N LEU A 357 -12.91 15.26 14.71
CA LEU A 357 -12.84 14.24 15.75
C LEU A 357 -14.16 13.50 15.79
N SER A 358 -14.12 12.17 15.66
CA SER A 358 -15.34 11.38 15.54
C SER A 358 -15.03 9.92 15.83
N GLY A 359 -16.08 9.09 15.74
CA GLY A 359 -15.94 7.65 15.92
C GLY A 359 -15.92 7.22 17.37
N VAL A 360 -15.43 6.00 17.60
CA VAL A 360 -15.42 5.45 18.97
C VAL A 360 -14.44 6.24 19.82
N LEU A 361 -14.94 6.85 20.90
CA LEU A 361 -14.16 7.68 21.80
C LEU A 361 -14.61 7.41 23.25
N ASP A 362 -14.70 6.13 23.59
CA ASP A 362 -15.22 5.69 24.88
C ASP A 362 -14.53 6.23 26.11
N SER A 363 -13.23 6.51 26.02
CA SER A 363 -12.45 6.93 27.18
C SER A 363 -12.20 8.44 27.22
N LEU A 364 -12.70 9.20 26.18
CA LEU A 364 -12.37 10.60 26.08
C LEU A 364 -12.99 11.38 27.19
N LYS A 365 -12.15 11.94 28.04
CA LYS A 365 -12.62 12.71 29.19
C LYS A 365 -12.55 14.20 28.95
N GLU A 366 -11.52 14.65 28.20
CA GLU A 366 -11.30 16.08 28.12
C GLU A 366 -10.62 16.52 26.83
N ILE A 367 -10.97 17.72 26.37
CA ILE A 367 -10.37 18.40 25.23
C ILE A 367 -9.94 19.77 25.72
N HIS A 368 -8.64 20.08 25.58
CA HIS A 368 -8.09 21.37 25.98
C HIS A 368 -7.78 22.18 24.73
N ILE A 369 -8.45 23.32 24.55
CA ILE A 369 -8.25 24.21 23.41
C ILE A 369 -7.39 25.35 23.90
N LYS A 370 -6.15 25.44 23.40
CA LYS A 370 -5.23 26.47 23.91
C LYS A 370 -5.30 27.81 23.23
N ASN A 371 -5.93 27.90 22.07
CA ASN A 371 -6.01 29.13 21.29
C ASN A 371 -6.77 30.25 22.00
N LYS A 372 -6.40 31.52 21.69
CA LYS A 372 -7.02 32.73 22.31
C LYS A 372 -7.54 33.73 21.28
N SER A 373 -7.75 33.31 20.01
CA SER A 373 -8.23 34.19 18.96
C SER A 373 -9.68 34.65 19.17
N THR A 374 -9.93 35.93 18.84
CA THR A 374 -11.29 36.48 18.90
C THR A 374 -12.11 35.96 17.69
N GLU A 375 -11.41 35.37 16.69
CA GLU A 375 -11.97 34.84 15.44
C GLU A 375 -12.06 33.30 15.42
N PHE A 376 -11.83 32.63 16.58
CA PHE A 376 -11.83 31.16 16.69
C PHE A 376 -13.06 30.56 16.03
N SER A 377 -12.89 29.54 15.17
CA SER A 377 -14.02 28.95 14.49
C SER A 377 -14.08 27.43 14.57
N VAL A 378 -15.32 26.93 14.61
CA VAL A 378 -15.70 25.51 14.70
C VAL A 378 -16.87 25.35 13.74
N LYS A 379 -16.96 24.19 13.08
CA LYS A 379 -18.13 23.90 12.24
C LYS A 379 -19.07 23.00 13.02
N LYS A 380 -20.33 22.89 12.57
CA LYS A 380 -21.26 22.03 13.29
C LYS A 380 -20.89 20.55 13.20
N ASP A 381 -20.06 20.17 12.21
CA ASP A 381 -19.61 18.78 12.09
C ASP A 381 -18.13 18.62 12.43
N THR A 382 -17.51 19.61 13.10
CA THR A 382 -16.13 19.45 13.56
C THR A 382 -16.05 18.26 14.53
N PHE A 383 -16.94 18.25 15.52
CA PHE A 383 -16.97 17.22 16.54
C PHE A 383 -18.20 16.34 16.43
N ALA A 384 -18.02 15.04 16.60
CA ALA A 384 -19.09 14.08 16.75
C ALA A 384 -18.59 13.21 17.90
N ILE A 385 -18.82 13.72 19.12
CA ILE A 385 -18.23 13.13 20.31
C ILE A 385 -19.26 12.89 21.42
N PRO A 386 -18.92 12.07 22.44
CA PRO A 386 -19.85 11.87 23.56
C PRO A 386 -20.12 13.19 24.30
N GLU A 387 -21.36 13.36 24.78
CA GLU A 387 -21.72 14.57 25.53
C GLU A 387 -20.95 14.68 26.85
N THR A 388 -20.39 13.56 27.34
CA THR A 388 -19.64 13.56 28.60
C THR A 388 -18.24 14.18 28.48
N VAL A 389 -17.73 14.38 27.25
CA VAL A 389 -16.42 14.97 27.12
C VAL A 389 -16.47 16.42 27.65
N LYS A 390 -15.47 16.81 28.44
CA LYS A 390 -15.36 18.15 28.97
C LYS A 390 -14.43 18.98 28.13
N PHE A 391 -14.79 20.23 27.88
CA PHE A 391 -13.90 21.15 27.19
C PHE A 391 -13.31 22.13 28.15
N TYR A 392 -12.04 22.51 27.92
CA TYR A 392 -11.31 23.52 28.70
C TYR A 392 -10.89 24.56 27.66
N VAL A 393 -11.38 25.80 27.82
CA VAL A 393 -11.13 26.87 26.84
C VAL A 393 -10.58 28.12 27.52
N THR A 394 -10.09 29.09 26.73
CA THR A 394 -9.44 30.28 27.29
C THR A 394 -10.36 31.45 27.47
N SER A 395 -11.54 31.48 26.81
CA SER A 395 -12.42 32.64 26.92
C SER A 395 -13.88 32.29 26.85
N GLU A 396 -14.74 33.20 27.30
CA GLU A 396 -16.18 33.06 27.18
C GLU A 396 -16.58 33.06 25.70
N HIS A 397 -15.88 33.82 24.80
CA HIS A 397 -16.21 33.83 23.38
C HIS A 397 -15.99 32.43 22.78
N ILE A 398 -14.86 31.78 23.10
CA ILE A 398 -14.64 30.43 22.56
C ILE A 398 -15.70 29.44 23.10
N LYS A 399 -16.13 29.60 24.37
CA LYS A 399 -17.22 28.80 24.91
C LYS A 399 -18.50 29.06 24.08
N ASP A 400 -18.77 30.34 23.74
CA ASP A 400 -19.96 30.67 22.94
C ASP A 400 -19.90 30.02 21.58
N VAL A 401 -18.72 30.03 20.96
CA VAL A 401 -18.55 29.40 19.65
C VAL A 401 -18.81 27.88 19.77
N LEU A 402 -18.25 27.23 20.78
CA LEU A 402 -18.53 25.80 20.98
C LEU A 402 -20.00 25.52 21.23
N LYS A 403 -20.64 26.26 22.15
CA LYS A 403 -22.06 26.03 22.44
C LYS A 403 -22.93 26.17 21.20
N SER A 404 -22.56 27.09 20.30
CA SER A 404 -23.36 27.35 19.12
C SER A 404 -23.19 26.26 18.05
N ASN A 405 -22.06 25.53 18.06
CA ASN A 405 -21.75 24.56 17.00
C ASN A 405 -21.76 23.11 17.42
N LEU A 406 -21.62 22.83 18.72
CA LEU A 406 -21.60 21.44 19.19
C LEU A 406 -22.96 20.78 19.08
N SER A 407 -23.00 19.53 18.61
CA SER A 407 -24.25 18.79 18.52
C SER A 407 -24.66 18.24 19.89
N THR A 408 -23.74 18.32 20.85
CA THR A 408 -23.95 17.83 22.22
C THR A 408 -23.77 19.00 23.20
N SER A 409 -24.35 18.84 24.40
CA SER A 409 -24.32 19.88 25.46
C SER A 409 -23.20 19.62 26.46
N ASN A 410 -21.96 19.57 25.97
CA ASN A 410 -20.80 19.25 26.80
C ASN A 410 -20.54 20.31 27.87
N ASP A 411 -19.98 19.88 29.01
CA ASP A 411 -19.52 20.81 30.03
C ASP A 411 -18.29 21.57 29.42
N ILE A 412 -18.32 22.91 29.44
CA ILE A 412 -17.26 23.77 28.95
C ILE A 412 -16.79 24.66 30.10
N ILE A 413 -15.51 24.53 30.44
CA ILE A 413 -14.86 25.29 31.53
C ILE A 413 -13.97 26.37 30.95
N VAL A 414 -14.20 27.63 31.32
CA VAL A 414 -13.37 28.74 30.88
C VAL A 414 -12.27 28.92 31.95
N GLU A 415 -11.01 28.77 31.56
CA GLU A 415 -9.89 28.91 32.49
C GLU A 415 -9.78 30.36 33.02
N LYS A 416 -9.30 30.52 34.25
CA LYS A 416 -9.02 31.83 34.84
C LYS A 416 -7.91 32.51 34.03
N VAL A 417 -7.98 33.84 33.84
CA VAL A 417 -6.99 34.61 33.06
C VAL A 417 -5.57 34.57 33.71
#